data_1UP3
#
_entry.id   1UP3
#
_cell.length_a   61.893
_cell.length_b   93.058
_cell.length_c   46.690
_cell.angle_alpha   90.00
_cell.angle_beta   90.00
_cell.angle_gamma   90.00
#
_symmetry.space_group_name_H-M   'P 21 21 2'
#
loop_
_entity.id
_entity.type
_entity.pdbx_description
1 polymer 'PUTATIVE CELLULASE CEL6'
2 branched 'beta-D-glucopyranose-(1-4)-beta-D-glucopyranose-(1-4)-4-thio-beta-D-glucopyranose-(1-4)-methyl beta-D-glucopyranoside'
3 non-polymer 'SULFATE ION'
4 non-polymer 2-(2-{2-[2-(2-METHOXY-ETHOXY)-ETHOXY]-ETHOXY}-ETHOXY)-ETHANOL
5 water water
#
_entity_poly.entity_id   1
_entity_poly.type   'polypeptide(L)'
_entity_poly.pdbx_seq_one_letter_code
;MANPLAGKPFYVDPASAAMVAARNANPPNAELTSVANTPQSYWLDQAFPPATVGGTVARYTGAAQAAGAMPVLTLYGIPH
RDCGSYASGGFATGTDYRGWIDAVASGLGSSPATIIVEPDALAMADCLSPDQRQERFDLVRYAVDTLTRDPAAAVYVDAG
HSRWLSAEAMAARLNDVGVGRARGFSLNVSNFYTTDEEIGYGEAISGLTNGSHYVIDTSRNGAGPAPDAPLNWCNPSGRA
LGAPPTTATAGAHADAYLWIKRPGESDGTCGRGEPQAGRFVSQYAIDLAHNAGQ
;
_entity_poly.pdbx_strand_id   A
#
# COMPACT_ATOMS: atom_id res chain seq x y z
N ALA A 2 16.26 5.60 13.91
CA ALA A 2 15.09 5.22 14.72
C ALA A 2 13.93 4.98 13.76
N ASN A 3 12.83 4.44 14.29
CA ASN A 3 11.63 4.15 13.48
C ASN A 3 10.95 5.47 13.11
N PRO A 4 10.91 5.84 11.84
CA PRO A 4 10.28 7.11 11.43
C PRO A 4 8.76 7.14 11.64
N LEU A 5 8.16 6.00 11.93
CA LEU A 5 6.70 5.89 12.01
C LEU A 5 6.19 5.97 13.44
N ALA A 6 7.10 6.04 14.42
CA ALA A 6 6.71 6.05 15.81
C ALA A 6 6.51 7.52 16.20
N GLY A 7 5.83 7.82 17.28
CA GLY A 7 5.76 9.25 17.60
C GLY A 7 4.59 10.08 17.11
N LYS A 8 3.87 9.68 16.05
CA LYS A 8 2.49 10.21 15.96
C LYS A 8 1.51 9.28 15.34
N PRO A 9 0.23 9.49 15.61
CA PRO A 9 -0.75 8.57 15.07
C PRO A 9 -0.80 8.65 13.56
N PHE A 10 -1.24 7.57 12.92
CA PHE A 10 -1.48 7.58 11.50
C PHE A 10 -2.78 8.34 11.20
N TYR A 11 -2.78 9.04 10.07
CA TYR A 11 -3.91 9.90 9.71
C TYR A 11 -5.15 9.14 9.29
N VAL A 12 -6.29 9.48 9.89
CA VAL A 12 -7.58 8.96 9.49
C VAL A 12 -8.16 9.93 8.45
N ASP A 13 -8.39 9.44 7.24
CA ASP A 13 -8.95 10.21 6.13
C ASP A 13 -10.43 10.51 6.45
N PRO A 14 -10.78 11.77 6.68
CA PRO A 14 -12.16 12.10 7.08
C PRO A 14 -13.17 12.01 5.92
N ALA A 15 -12.69 11.79 4.70
CA ALA A 15 -13.55 11.71 3.50
C ALA A 15 -13.41 10.39 2.74
N SER A 16 -13.01 9.33 3.45
CA SER A 16 -12.92 8.02 2.82
C SER A 16 -14.31 7.56 2.45
N ALA A 17 -14.40 6.64 1.50
CA ALA A 17 -15.68 6.01 1.20
C ALA A 17 -16.26 5.34 2.44
N ALA A 18 -15.41 4.73 3.25
CA ALA A 18 -15.85 4.11 4.50
C ALA A 18 -16.51 5.12 5.44
N MET A 19 -15.91 6.32 5.56
CA MET A 19 -16.45 7.35 6.43
C MET A 19 -17.78 7.85 5.87
N VAL A 20 -17.85 8.01 4.57
CA VAL A 20 -19.11 8.43 3.92
C VAL A 20 -20.21 7.38 4.19
N ALA A 21 -19.89 6.09 4.01
CA ALA A 21 -20.83 5.03 4.35
C ALA A 21 -21.22 5.04 5.83
N ALA A 22 -20.26 5.24 6.73
CA ALA A 22 -20.54 5.16 8.16
C ALA A 22 -21.47 6.30 8.59
N ARG A 23 -21.26 7.47 7.99
CA ARG A 23 -22.09 8.64 8.28
C ARG A 23 -23.50 8.54 7.70
N ASN A 24 -23.64 7.80 6.61
CA ASN A 24 -24.93 7.64 5.93
C ASN A 24 -25.76 6.48 6.50
N ALA A 25 -25.09 5.56 7.19
CA ALA A 25 -25.76 4.37 7.69
C ALA A 25 -26.95 4.75 8.57
N ASN A 26 -28.10 4.13 8.31
CA ASN A 26 -29.32 4.44 9.06
C ASN A 26 -30.03 3.12 9.34
N PRO A 27 -29.96 2.62 10.58
CA PRO A 27 -29.29 3.26 11.70
C PRO A 27 -27.76 3.11 11.66
N PRO A 28 -27.03 3.80 12.54
CA PRO A 28 -25.58 3.67 12.57
C PRO A 28 -25.12 2.21 12.66
N ASN A 29 -24.03 1.89 11.96
CA ASN A 29 -23.55 0.55 11.83
C ASN A 29 -22.17 0.47 12.48
N ALA A 30 -22.04 -0.42 13.49
CA ALA A 30 -20.81 -0.49 14.27
C ALA A 30 -19.61 -0.90 13.44
N GLU A 31 -19.85 -1.78 12.47
CA GLU A 31 -18.76 -2.32 11.66
C GLU A 31 -18.23 -1.22 10.74
N LEU A 32 -19.11 -0.48 10.10
CA LEU A 32 -18.63 0.60 9.22
C LEU A 32 -17.94 1.70 10.01
N THR A 33 -18.48 2.03 11.19
CA THR A 33 -17.87 3.05 12.00
C THR A 33 -16.45 2.61 12.40
N SER A 34 -16.26 1.35 12.78
CA SER A 34 -14.95 0.84 13.18
C SER A 34 -13.93 1.00 12.07
N VAL A 35 -14.29 0.52 10.88
CA VAL A 35 -13.41 0.65 9.70
C VAL A 35 -13.13 2.12 9.37
N ALA A 36 -14.16 2.96 9.35
CA ALA A 36 -14.01 4.36 9.02
C ALA A 36 -13.05 5.13 9.91
N ASN A 37 -13.00 4.75 11.18
CA ASN A 37 -12.16 5.46 12.14
C ASN A 37 -10.75 4.87 12.27
N THR A 38 -10.41 3.90 11.42
CA THR A 38 -9.06 3.30 11.43
C THR A 38 -8.26 3.94 10.31
N PRO A 39 -7.04 4.39 10.60
CA PRO A 39 -6.22 4.99 9.53
C PRO A 39 -5.82 4.00 8.45
N GLN A 40 -5.89 4.41 7.18
N GLN A 40 -5.97 4.46 7.19
CA GLN A 40 -5.60 3.49 6.08
CA GLN A 40 -5.65 3.69 5.98
C GLN A 40 -4.45 4.07 5.24
C GLN A 40 -4.99 4.59 4.95
N SER A 41 -4.51 4.00 3.92
N SER A 41 -4.26 3.98 4.05
CA SER A 41 -3.58 4.77 3.08
CA SER A 41 -3.53 4.78 3.08
C SER A 41 -4.39 5.36 1.96
N TYR A 42 -3.91 6.44 1.38
CA TYR A 42 -4.58 7.14 0.29
C TYR A 42 -3.88 6.77 -1.02
N TRP A 43 -4.62 6.14 -1.94
CA TRP A 43 -4.04 5.62 -3.16
C TRP A 43 -4.12 6.65 -4.27
N LEU A 44 -3.00 6.86 -4.96
CA LEU A 44 -2.92 7.78 -6.11
C LEU A 44 -2.53 7.01 -7.37
N ASP A 45 -3.15 7.37 -8.47
CA ASP A 45 -2.83 6.79 -9.76
C ASP A 45 -3.00 7.77 -10.90
N GLN A 46 -3.20 7.24 -12.10
CA GLN A 46 -3.26 8.09 -13.30
C GLN A 46 -4.50 8.96 -13.38
N ALA A 47 -5.43 8.78 -12.47
CA ALA A 47 -6.55 9.73 -12.31
C ALA A 47 -6.10 11.10 -11.81
N PHE A 48 -4.88 11.18 -11.25
CA PHE A 48 -4.30 12.41 -10.72
C PHE A 48 -3.11 12.73 -11.62
N PRO A 49 -3.32 13.57 -12.64
CA PRO A 49 -2.24 13.77 -13.62
C PRO A 49 -1.03 14.52 -13.07
N PRO A 50 0.14 14.42 -13.71
CA PRO A 50 1.32 15.18 -13.30
C PRO A 50 1.05 16.66 -13.08
N ALA A 51 0.15 17.22 -13.89
CA ALA A 51 -0.08 18.66 -13.86
C ALA A 51 -0.66 19.11 -12.55
N THR A 52 -1.39 18.23 -11.85
CA THR A 52 -2.10 18.63 -10.65
C THR A 52 -1.84 17.80 -9.39
N VAL A 53 -1.20 16.64 -9.53
CA VAL A 53 -1.05 15.74 -8.38
C VAL A 53 -0.23 16.36 -7.24
N GLY A 54 0.67 17.28 -7.56
CA GLY A 54 1.43 17.98 -6.56
C GLY A 54 0.55 18.70 -5.56
N GLY A 55 -0.45 19.40 -6.06
CA GLY A 55 -1.42 20.06 -5.20
C GLY A 55 -2.22 19.08 -4.40
N THR A 56 -2.60 17.94 -4.98
CA THR A 56 -3.34 16.93 -4.25
C THR A 56 -2.53 16.38 -3.07
N VAL A 57 -1.25 16.12 -3.34
CA VAL A 57 -0.36 15.59 -2.32
C VAL A 57 -0.08 16.62 -1.24
N ALA A 58 0.16 17.89 -1.64
CA ALA A 58 0.41 18.93 -0.65
C ALA A 58 -0.81 19.12 0.27
N ARG A 59 -2.00 19.03 -0.30
CA ARG A 59 -3.26 19.18 0.46
C ARG A 59 -3.35 18.06 1.49
N TYR A 60 -3.10 16.83 1.05
CA TYR A 60 -3.28 15.67 1.93
C TYR A 60 -2.23 15.67 3.06
N THR A 61 -0.99 15.91 2.71
CA THR A 61 0.08 15.89 3.72
C THR A 61 -0.07 17.08 4.69
N GLY A 62 -0.51 18.21 4.16
CA GLY A 62 -0.78 19.37 4.99
C GLY A 62 -1.96 19.16 5.93
N ALA A 63 -3.01 18.46 5.47
CA ALA A 63 -4.14 18.14 6.33
C ALA A 63 -3.72 17.18 7.45
N ALA A 64 -2.88 16.22 7.11
CA ALA A 64 -2.41 15.28 8.11
C ALA A 64 -1.59 16.00 9.16
N GLN A 65 -0.72 16.89 8.73
CA GLN A 65 0.10 17.71 9.64
C GLN A 65 -0.78 18.55 10.55
N ALA A 66 -1.84 19.11 10.00
CA ALA A 66 -2.80 19.90 10.81
C ALA A 66 -3.52 19.07 11.86
N ALA A 67 -3.65 17.74 11.61
CA ALA A 67 -4.22 16.78 12.56
C ALA A 67 -3.20 16.16 13.50
N GLY A 68 -1.93 16.58 13.41
CA GLY A 68 -0.87 16.02 14.22
C GLY A 68 -0.58 14.56 13.91
N ALA A 69 -0.71 14.19 12.64
CA ALA A 69 -0.70 12.80 12.24
C ALA A 69 0.18 12.52 11.02
N MET A 70 0.59 11.26 10.87
CA MET A 70 1.41 10.81 9.74
C MET A 70 0.51 10.31 8.60
N PRO A 71 0.58 10.98 7.44
CA PRO A 71 -0.18 10.50 6.28
C PRO A 71 0.52 9.32 5.65
N VAL A 72 -0.26 8.40 5.10
CA VAL A 72 0.26 7.26 4.35
C VAL A 72 -0.35 7.33 2.95
N LEU A 73 0.53 7.41 1.96
CA LEU A 73 0.16 7.53 0.56
C LEU A 73 0.66 6.27 -0.16
N THR A 74 -0.18 5.73 -1.04
CA THR A 74 0.20 4.61 -1.89
C THR A 74 0.25 5.02 -3.35
N LEU A 75 1.40 4.88 -3.98
CA LEU A 75 1.54 5.23 -5.38
C LEU A 75 1.26 4.00 -6.23
N TYR A 76 0.30 4.10 -7.15
CA TYR A 76 -0.14 2.93 -7.93
C TYR A 76 -0.41 3.35 -9.37
N GLY A 77 0.65 3.87 -10.01
CA GLY A 77 0.55 4.42 -11.37
C GLY A 77 1.48 3.77 -12.38
N ILE A 78 2.14 2.67 -12.04
CA ILE A 78 3.18 2.11 -12.94
C ILE A 78 2.60 1.74 -14.31
N PRO A 79 3.33 1.99 -15.38
CA PRO A 79 2.85 1.54 -16.68
C PRO A 79 2.64 0.02 -16.71
N HIS A 80 1.62 -0.42 -17.45
CA HIS A 80 1.22 -1.83 -17.51
C HIS A 80 0.81 -2.32 -16.12
N ARG A 81 0.15 -1.42 -15.35
CA ARG A 81 -0.32 -1.78 -14.01
C ARG A 81 -1.14 -3.04 -14.04
N ASP A 82 -0.85 -3.95 -13.09
CA ASP A 82 -1.57 -5.19 -12.92
C ASP A 82 -1.47 -6.09 -14.14
N CYS A 83 -0.52 -5.84 -15.04
CA CYS A 83 -0.38 -6.63 -16.26
C CYS A 83 -1.72 -6.79 -16.98
N GLY A 84 -2.52 -5.73 -16.99
CA GLY A 84 -3.74 -5.69 -17.77
C GLY A 84 -4.90 -6.49 -17.20
N SER A 85 -4.79 -6.87 -15.94
CA SER A 85 -5.82 -7.68 -15.26
C SER A 85 -6.86 -6.77 -14.59
N TYR A 86 -7.48 -7.24 -13.51
CA TYR A 86 -8.64 -6.56 -12.91
C TYR A 86 -8.36 -5.12 -12.48
N ALA A 87 -7.13 -4.86 -12.10
CA ALA A 87 -6.74 -3.51 -11.70
C ALA A 87 -5.88 -2.80 -12.75
N SER A 88 -6.11 -3.12 -14.03
CA SER A 88 -5.43 -2.47 -15.15
C SER A 88 -5.53 -0.97 -15.06
N GLY A 89 -4.47 -0.29 -15.53
CA GLY A 89 -4.39 1.16 -15.42
C GLY A 89 -2.94 1.62 -15.47
N GLY A 90 -2.63 2.66 -14.71
CA GLY A 90 -1.30 3.24 -14.76
C GLY A 90 -1.12 4.19 -15.94
N PHE A 91 -0.01 4.89 -15.89
CA PHE A 91 0.37 5.78 -16.95
C PHE A 91 0.76 5.03 -18.22
N ALA A 92 0.64 5.71 -19.35
CA ALA A 92 0.87 5.06 -20.63
C ALA A 92 2.35 4.73 -20.87
N THR A 93 3.25 5.63 -20.48
CA THR A 93 4.66 5.47 -20.77
C THR A 93 5.52 5.82 -19.55
N GLY A 94 6.76 5.39 -19.59
CA GLY A 94 7.72 5.74 -18.58
C GLY A 94 7.98 7.23 -18.46
N THR A 95 8.00 7.96 -19.59
CA THR A 95 8.11 9.42 -19.53
C THR A 95 7.00 10.07 -18.69
N ASP A 96 5.77 9.62 -18.92
CA ASP A 96 4.64 10.12 -18.18
C ASP A 96 4.81 9.80 -16.70
N TYR A 97 5.21 8.56 -16.40
CA TYR A 97 5.34 8.16 -15.00
C TYR A 97 6.41 9.00 -14.29
N ARG A 98 7.53 9.22 -14.98
CA ARG A 98 8.56 10.05 -14.38
C ARG A 98 8.09 11.46 -14.07
N GLY A 99 7.30 12.02 -14.94
CA GLY A 99 6.78 13.36 -14.70
C GLY A 99 5.84 13.38 -13.51
N TRP A 100 5.07 12.31 -13.39
CA TRP A 100 4.17 12.11 -12.26
C TRP A 100 4.93 12.05 -10.94
N ILE A 101 5.99 11.23 -10.88
CA ILE A 101 6.82 11.14 -9.70
C ILE A 101 7.44 12.54 -9.36
N ASP A 102 7.88 13.30 -10.37
CA ASP A 102 8.43 14.63 -10.09
C ASP A 102 7.39 15.49 -9.42
N ALA A 103 6.17 15.41 -9.91
CA ALA A 103 5.07 16.20 -9.36
C ALA A 103 4.70 15.79 -7.95
N VAL A 104 4.62 14.48 -7.68
CA VAL A 104 4.38 14.00 -6.34
C VAL A 104 5.46 14.53 -5.37
N ALA A 105 6.73 14.45 -5.76
CA ALA A 105 7.82 14.96 -4.93
C ALA A 105 7.73 16.46 -4.70
N SER A 106 7.29 17.20 -5.71
CA SER A 106 7.10 18.65 -5.57
C SER A 106 6.04 18.92 -4.52
N GLY A 107 5.01 18.11 -4.48
CA GLY A 107 3.97 18.31 -3.52
C GLY A 107 4.34 17.88 -2.11
N LEU A 108 5.23 16.90 -1.98
CA LEU A 108 5.72 16.48 -0.67
C LEU A 108 6.55 17.58 0.01
N GLY A 109 7.39 18.26 -0.76
CA GLY A 109 8.33 19.24 -0.20
C GLY A 109 9.17 18.58 0.86
N SER A 110 9.14 19.15 2.07
CA SER A 110 9.85 18.60 3.21
CA SER A 110 9.86 18.60 3.21
C SER A 110 8.90 18.06 4.26
N SER A 111 7.65 17.76 3.84
CA SER A 111 6.61 17.35 4.79
CA SER A 111 6.59 17.35 4.77
C SER A 111 6.68 15.88 5.16
N PRO A 112 6.27 15.54 6.38
CA PRO A 112 6.24 14.13 6.80
C PRO A 112 5.25 13.32 5.97
N ALA A 113 5.66 12.15 5.53
CA ALA A 113 4.77 11.25 4.81
C ALA A 113 5.37 9.85 4.84
N THR A 114 4.49 8.87 4.80
CA THR A 114 4.86 7.48 4.55
C THR A 114 4.38 7.14 3.14
N ILE A 115 5.29 6.63 2.30
CA ILE A 115 4.98 6.38 0.90
C ILE A 115 5.20 4.91 0.61
N ILE A 116 4.15 4.26 0.12
CA ILE A 116 4.19 2.87 -0.33
C ILE A 116 4.32 2.93 -1.87
N VAL A 117 5.44 2.50 -2.39
CA VAL A 117 5.76 2.65 -3.82
C VAL A 117 5.35 1.38 -4.59
N GLU A 118 4.31 1.54 -5.38
CA GLU A 118 3.88 0.58 -6.40
C GLU A 118 3.65 -0.85 -5.94
N PRO A 119 2.57 -1.04 -5.21
CA PRO A 119 2.13 -2.42 -4.88
C PRO A 119 2.15 -3.31 -6.13
N ASP A 120 2.79 -4.46 -6.02
CA ASP A 120 2.83 -5.53 -7.02
C ASP A 120 3.84 -5.30 -8.13
N ALA A 121 4.42 -4.10 -8.26
CA ALA A 121 5.18 -3.83 -9.49
C ALA A 121 6.40 -4.74 -9.62
N LEU A 122 7.20 -4.82 -8.58
CA LEU A 122 8.40 -5.66 -8.63
C LEU A 122 8.02 -7.15 -8.67
N ALA A 123 6.99 -7.52 -7.92
CA ALA A 123 6.63 -8.96 -7.81
C ALA A 123 6.01 -9.48 -9.07
N MET A 124 5.28 -8.63 -9.80
CA MET A 124 4.54 -9.02 -11.00
C MET A 124 5.33 -8.79 -12.29
N ALA A 125 6.55 -8.28 -12.17
CA ALA A 125 7.31 -7.82 -13.32
C ALA A 125 7.59 -8.91 -14.34
N ASP A 126 7.55 -10.17 -13.92
CA ASP A 126 7.84 -11.26 -14.85
C ASP A 126 6.82 -11.41 -15.99
N CYS A 127 5.63 -10.83 -15.84
CA CYS A 127 4.64 -10.79 -16.94
C CYS A 127 5.13 -9.97 -18.13
N LEU A 128 6.12 -9.11 -17.90
CA LEU A 128 6.63 -8.21 -18.93
C LEU A 128 7.78 -8.86 -19.71
N SER A 129 8.06 -8.33 -20.90
CA SER A 129 9.22 -8.75 -21.65
C SER A 129 10.48 -8.31 -20.92
N PRO A 130 11.63 -8.92 -21.17
CA PRO A 130 12.84 -8.47 -20.45
C PRO A 130 13.11 -6.96 -20.54
N ASP A 131 12.86 -6.32 -21.69
CA ASP A 131 13.12 -4.90 -21.83
C ASP A 131 12.07 -4.06 -21.09
N GLN A 132 10.82 -4.49 -21.10
CA GLN A 132 9.78 -3.81 -20.32
C GLN A 132 10.05 -3.97 -18.82
N ARG A 133 10.60 -5.13 -18.44
CA ARG A 133 10.91 -5.41 -17.03
C ARG A 133 11.99 -4.47 -16.57
N GLN A 134 13.03 -4.29 -17.37
CA GLN A 134 14.13 -3.37 -16.97
C GLN A 134 13.64 -1.93 -16.91
N GLU A 135 12.78 -1.55 -17.84
CA GLU A 135 12.15 -0.25 -17.79
C GLU A 135 11.42 -0.08 -16.45
N ARG A 136 10.64 -1.09 -16.07
CA ARG A 136 9.86 -0.99 -14.82
C ARG A 136 10.80 -0.83 -13.62
N PHE A 137 11.87 -1.59 -13.59
CA PHE A 137 12.83 -1.49 -12.48
C PHE A 137 13.43 -0.06 -12.45
N ASP A 138 13.76 0.48 -13.64
CA ASP A 138 14.24 1.86 -13.72
C ASP A 138 13.26 2.89 -13.21
N LEU A 139 11.95 2.67 -13.45
CA LEU A 139 10.93 3.58 -12.97
C LEU A 139 10.76 3.51 -11.45
N VAL A 140 10.86 2.31 -10.88
CA VAL A 140 10.78 2.18 -9.44
C VAL A 140 12.01 2.82 -8.81
N ARG A 141 13.19 2.58 -9.39
CA ARG A 141 14.39 3.25 -8.91
C ARG A 141 14.28 4.78 -8.99
N TYR A 142 13.68 5.29 -10.07
CA TYR A 142 13.45 6.71 -10.22
C TYR A 142 12.58 7.26 -9.08
N ALA A 143 11.52 6.52 -8.75
CA ALA A 143 10.66 6.90 -7.63
C ALA A 143 11.44 6.97 -6.33
N VAL A 144 12.26 5.98 -6.03
CA VAL A 144 13.04 5.96 -4.81
C VAL A 144 13.97 7.16 -4.79
N ASP A 145 14.70 7.36 -5.89
CA ASP A 145 15.71 8.43 -5.94
C ASP A 145 15.09 9.81 -5.81
N THR A 146 13.87 9.99 -6.31
CA THR A 146 13.23 11.31 -6.34
C THR A 146 12.45 11.59 -5.06
N LEU A 147 11.72 10.61 -4.58
CA LEU A 147 10.88 10.78 -3.41
C LEU A 147 11.69 10.96 -2.13
N THR A 148 12.86 10.32 -2.03
CA THR A 148 13.69 10.42 -0.84
C THR A 148 14.40 11.76 -0.70
N ARG A 149 14.29 12.62 -1.71
CA ARG A 149 14.74 14.00 -1.55
C ARG A 149 13.93 14.76 -0.52
N ASP A 150 12.73 14.29 -0.19
CA ASP A 150 12.01 14.78 1.01
C ASP A 150 12.61 14.03 2.18
N PRO A 151 13.40 14.68 3.04
CA PRO A 151 14.01 13.97 4.16
C PRO A 151 13.00 13.36 5.11
N ALA A 152 11.78 13.91 5.15
CA ALA A 152 10.74 13.47 6.05
C ALA A 152 9.81 12.41 5.45
N ALA A 153 10.13 11.94 4.25
CA ALA A 153 9.35 10.86 3.63
C ALA A 153 9.98 9.53 4.01
N ALA A 154 9.18 8.65 4.60
CA ALA A 154 9.55 7.29 4.92
C ALA A 154 9.06 6.45 3.77
N VAL A 155 9.98 5.96 2.95
CA VAL A 155 9.63 5.34 1.66
C VAL A 155 9.82 3.84 1.74
N TYR A 156 8.77 3.11 1.38
CA TYR A 156 8.77 1.65 1.42
C TYR A 156 8.41 1.15 0.01
N VAL A 157 9.33 0.43 -0.62
CA VAL A 157 9.09 -0.12 -1.95
C VAL A 157 8.32 -1.41 -1.84
N ASP A 158 7.26 -1.58 -2.61
CA ASP A 158 6.49 -2.80 -2.39
C ASP A 158 7.26 -4.03 -2.83
N ALA A 159 7.12 -5.13 -2.05
CA ALA A 159 7.90 -6.33 -2.25
C ALA A 159 7.04 -7.62 -2.28
N GLY A 160 5.75 -7.50 -2.59
CA GLY A 160 4.92 -8.69 -2.72
C GLY A 160 4.57 -9.30 -1.40
N HIS A 161 4.72 -10.61 -1.29
CA HIS A 161 4.35 -11.36 -0.07
C HIS A 161 5.03 -12.69 -0.03
N SER A 162 4.90 -13.37 1.09
CA SER A 162 5.66 -14.59 1.39
C SER A 162 5.32 -15.78 0.50
N ARG A 163 4.26 -15.70 -0.34
CA ARG A 163 3.90 -16.80 -1.25
C ARG A 163 4.00 -16.38 -2.73
N TRP A 164 4.73 -15.30 -2.97
CA TRP A 164 4.88 -14.77 -4.32
C TRP A 164 6.30 -15.07 -4.78
N LEU A 165 7.21 -14.10 -4.80
CA LEU A 165 8.62 -14.41 -5.14
C LEU A 165 9.31 -14.91 -3.88
N SER A 166 10.42 -15.64 -4.06
CA SER A 166 11.27 -15.94 -2.94
C SER A 166 11.94 -14.71 -2.34
N ALA A 167 12.36 -14.85 -1.09
CA ALA A 167 13.09 -13.77 -0.40
C ALA A 167 14.31 -13.37 -1.21
N GLU A 168 15.03 -14.36 -1.75
CA GLU A 168 16.24 -14.09 -2.53
C GLU A 168 15.91 -13.35 -3.82
N ALA A 169 14.88 -13.78 -4.53
CA ALA A 169 14.48 -13.16 -5.76
C ALA A 169 14.01 -11.69 -5.53
N MET A 170 13.24 -11.49 -4.48
CA MET A 170 12.71 -10.14 -4.22
C MET A 170 13.84 -9.25 -3.70
N ALA A 171 14.73 -9.78 -2.87
CA ALA A 171 15.83 -8.96 -2.37
C ALA A 171 16.69 -8.48 -3.53
N ALA A 172 16.91 -9.34 -4.53
CA ALA A 172 17.68 -8.93 -5.70
C ALA A 172 17.06 -7.74 -6.41
N ARG A 173 15.75 -7.78 -6.59
CA ARG A 173 15.03 -6.68 -7.23
C ARG A 173 15.07 -5.44 -6.37
N LEU A 174 14.87 -5.58 -5.06
CA LEU A 174 14.93 -4.39 -4.16
C LEU A 174 16.31 -3.75 -4.19
N ASN A 175 17.35 -4.59 -4.22
CA ASN A 175 18.71 -4.07 -4.25
C ASN A 175 18.95 -3.32 -5.55
N ASP A 176 18.44 -3.85 -6.66
CA ASP A 176 18.55 -3.19 -7.95
C ASP A 176 17.86 -1.84 -8.03
N VAL A 177 16.79 -1.62 -7.27
CA VAL A 177 16.08 -0.33 -7.37
C VAL A 177 16.51 0.64 -6.27
N GLY A 178 17.55 0.26 -5.54
CA GLY A 178 18.16 1.07 -4.51
C GLY A 178 17.39 1.17 -3.23
N VAL A 179 16.82 0.06 -2.76
CA VAL A 179 16.12 0.01 -1.47
C VAL A 179 16.92 0.62 -0.30
N GLY A 180 18.25 0.52 -0.39
CA GLY A 180 19.17 1.14 0.56
C GLY A 180 18.99 2.63 0.78
N ARG A 181 18.50 3.34 -0.22
CA ARG A 181 18.24 4.77 -0.15
C ARG A 181 16.88 5.04 0.53
N ALA A 182 15.98 4.07 0.47
CA ALA A 182 14.66 4.18 1.08
C ALA A 182 14.73 3.67 2.52
N ARG A 183 13.61 3.70 3.23
CA ARG A 183 13.53 3.07 4.56
C ARG A 183 13.48 1.57 4.43
N GLY A 184 12.80 1.08 3.39
CA GLY A 184 12.72 -0.36 3.16
C GLY A 184 11.62 -0.74 2.19
N PHE A 185 10.83 -1.71 2.61
CA PHE A 185 9.86 -2.33 1.72
C PHE A 185 8.52 -2.65 2.42
N SER A 186 7.50 -2.95 1.61
CA SER A 186 6.18 -3.33 2.14
C SER A 186 5.81 -4.72 1.72
N LEU A 187 5.05 -5.37 2.60
CA LEU A 187 4.56 -6.75 2.38
C LEU A 187 3.06 -6.88 2.59
N ASN A 188 2.48 -7.85 1.90
CA ASN A 188 1.09 -8.27 2.10
C ASN A 188 0.04 -7.29 1.61
N VAL A 189 0.45 -6.31 0.78
CA VAL A 189 -0.48 -5.28 0.37
C VAL A 189 -1.65 -5.90 -0.41
N SER A 190 -2.87 -5.61 0.04
CA SER A 190 -4.06 -6.18 -0.50
C SER A 190 -4.17 -7.67 -0.39
N ASN A 191 -3.35 -8.31 0.42
CA ASN A 191 -3.46 -9.77 0.59
C ASN A 191 -3.82 -10.11 2.03
N PHE A 192 -3.67 -11.37 2.38
CA PHE A 192 -4.36 -11.96 3.52
C PHE A 192 -3.47 -12.83 4.39
N TYR A 193 -2.16 -12.90 4.09
CA TYR A 193 -1.29 -13.82 4.82
C TYR A 193 -1.08 -13.34 6.26
N THR A 194 -0.88 -14.28 7.19
CA THR A 194 -0.75 -13.94 8.59
C THR A 194 0.46 -13.04 8.84
N THR A 195 0.32 -12.20 9.86
CA THR A 195 1.41 -11.34 10.26
C THR A 195 2.67 -12.11 10.59
N ASP A 196 2.52 -13.24 11.30
CA ASP A 196 3.68 -14.04 11.63
C ASP A 196 4.42 -14.54 10.41
N GLU A 197 3.69 -15.00 9.42
CA GLU A 197 4.33 -15.50 8.20
C GLU A 197 5.06 -14.35 7.50
N GLU A 198 4.45 -13.17 7.48
CA GLU A 198 5.09 -12.04 6.80
C GLU A 198 6.29 -11.51 7.57
N ILE A 199 6.32 -11.60 8.89
CA ILE A 199 7.51 -11.21 9.67
C ILE A 199 8.68 -12.12 9.33
N GLY A 200 8.44 -13.43 9.26
CA GLY A 200 9.51 -14.32 8.89
C GLY A 200 10.11 -13.98 7.51
N TYR A 201 9.23 -13.67 6.57
CA TYR A 201 9.64 -13.32 5.21
C TYR A 201 10.38 -11.99 5.19
N GLY A 202 9.83 -11.01 5.91
CA GLY A 202 10.42 -9.69 6.03
C GLY A 202 11.81 -9.71 6.66
N GLU A 203 11.97 -10.50 7.72
CA GLU A 203 13.27 -10.58 8.35
C GLU A 203 14.28 -11.21 7.39
N ALA A 204 13.85 -12.17 6.58
CA ALA A 204 14.73 -12.79 5.57
C ALA A 204 15.17 -11.78 4.53
N ILE A 205 14.22 -10.98 4.06
CA ILE A 205 14.54 -9.98 3.04
C ILE A 205 15.44 -8.92 3.65
N SER A 206 15.13 -8.51 4.88
CA SER A 206 15.94 -7.54 5.60
C SER A 206 17.41 -7.99 5.64
N GLY A 207 17.65 -9.27 5.94
CA GLY A 207 18.98 -9.82 5.97
C GLY A 207 19.72 -9.74 4.65
N LEU A 208 18.98 -9.82 3.55
CA LEU A 208 19.52 -9.79 2.19
C LEU A 208 19.59 -8.40 1.57
N THR A 209 19.16 -7.38 2.31
CA THR A 209 19.16 -5.99 1.87
C THR A 209 19.84 -5.09 2.89
N ASN A 210 20.85 -5.61 3.57
CA ASN A 210 21.65 -4.81 4.51
C ASN A 210 20.85 -4.18 5.64
N GLY A 211 19.84 -4.90 6.12
CA GLY A 211 19.09 -4.48 7.29
C GLY A 211 17.95 -3.52 7.05
N SER A 212 17.38 -3.57 5.87
CA SER A 212 16.27 -2.67 5.57
CA SER A 212 16.23 -2.71 5.52
C SER A 212 15.06 -3.01 6.45
N HIS A 213 14.19 -2.03 6.64
CA HIS A 213 13.01 -2.18 7.47
C HIS A 213 11.76 -2.37 6.60
N TYR A 214 10.64 -2.75 7.21
CA TYR A 214 9.47 -3.05 6.41
C TYR A 214 8.17 -2.78 7.18
N VAL A 215 7.11 -2.68 6.41
CA VAL A 215 5.77 -2.60 6.96
C VAL A 215 4.93 -3.74 6.38
N ILE A 216 3.94 -4.19 7.15
CA ILE A 216 3.04 -5.26 6.75
C ILE A 216 1.60 -4.65 6.71
N ASP A 217 0.89 -4.95 5.63
CA ASP A 217 -0.55 -4.62 5.45
C ASP A 217 -1.32 -5.68 6.25
N THR A 218 -1.92 -5.24 7.34
CA THR A 218 -2.76 -6.09 8.19
C THR A 218 -4.25 -5.78 8.06
N SER A 219 -4.63 -5.09 6.99
CA SER A 219 -6.01 -4.72 6.76
C SER A 219 -7.01 -5.88 6.76
N ARG A 220 -6.60 -7.03 6.22
CA ARG A 220 -7.53 -8.13 5.96
C ARG A 220 -7.00 -9.49 6.36
N ASN A 221 -6.00 -9.54 7.25
CA ASN A 221 -5.28 -10.79 7.56
C ASN A 221 -5.56 -11.42 8.91
N GLY A 222 -6.64 -11.00 9.57
CA GLY A 222 -6.97 -11.50 10.90
C GLY A 222 -7.32 -12.96 10.96
N ALA A 223 -7.74 -13.55 9.83
CA ALA A 223 -8.09 -14.97 9.78
C ALA A 223 -7.16 -15.72 8.81
N GLY A 224 -6.05 -15.06 8.43
CA GLY A 224 -5.17 -15.64 7.45
C GLY A 224 -5.82 -15.72 6.07
N PRO A 225 -5.17 -16.42 5.16
CA PRO A 225 -5.60 -16.51 3.77
C PRO A 225 -6.70 -17.58 3.53
N ALA A 226 -7.49 -17.38 2.49
CA ALA A 226 -8.42 -18.40 1.99
C ALA A 226 -7.62 -19.59 1.47
N PRO A 227 -8.23 -20.76 1.38
CA PRO A 227 -7.52 -21.95 0.88
C PRO A 227 -6.90 -21.71 -0.49
N ASP A 228 -5.68 -22.21 -0.65
CA ASP A 228 -4.91 -22.20 -1.87
C ASP A 228 -5.77 -22.55 -3.10
N ALA A 229 -6.02 -21.54 -3.93
CA ALA A 229 -6.77 -21.74 -5.17
C ALA A 229 -6.53 -20.50 -6.02
N PRO A 230 -6.54 -20.63 -7.35
CA PRO A 230 -6.51 -19.43 -8.18
C PRO A 230 -7.60 -18.41 -7.75
N LEU A 231 -7.16 -17.15 -7.71
CA LEU A 231 -8.01 -16.02 -7.40
C LEU A 231 -8.41 -16.04 -5.91
N ASN A 232 -7.66 -16.75 -5.09
CA ASN A 232 -7.95 -16.71 -3.65
C ASN A 232 -7.70 -15.35 -2.97
N TRP A 233 -7.04 -14.44 -3.71
CA TRP A 233 -6.77 -13.07 -3.29
C TRP A 233 -7.82 -12.09 -3.81
N CYS A 234 -8.77 -12.59 -4.62
CA CYS A 234 -9.73 -11.72 -5.33
C CYS A 234 -11.09 -11.79 -4.64
N ASN A 235 -11.38 -10.80 -3.81
CA ASN A 235 -12.58 -10.77 -2.96
C ASN A 235 -12.95 -12.11 -2.29
N PRO A 236 -12.03 -12.76 -1.58
CA PRO A 236 -12.38 -14.00 -0.87
C PRO A 236 -13.36 -13.77 0.27
N SER A 237 -14.20 -14.76 0.51
CA SER A 237 -15.03 -14.72 1.70
C SER A 237 -14.27 -15.29 2.90
N GLY A 238 -14.85 -15.07 4.08
CA GLY A 238 -14.34 -15.62 5.33
C GLY A 238 -13.07 -14.98 5.90
N ARG A 239 -12.66 -13.85 5.33
CA ARG A 239 -11.49 -13.11 5.81
C ARG A 239 -11.91 -12.11 6.88
N ALA A 240 -10.96 -11.66 7.68
CA ALA A 240 -11.25 -10.77 8.81
C ALA A 240 -10.26 -9.63 8.82
N LEU A 241 -10.70 -8.47 9.29
CA LEU A 241 -9.77 -7.40 9.62
C LEU A 241 -8.68 -7.94 10.51
N GLY A 242 -7.45 -7.48 10.24
CA GLY A 242 -6.30 -7.79 11.08
C GLY A 242 -6.00 -6.69 12.08
N ALA A 243 -4.86 -6.80 12.74
CA ALA A 243 -4.42 -5.83 13.75
C ALA A 243 -4.53 -4.42 13.28
N PRO A 244 -5.11 -3.51 14.07
CA PRO A 244 -5.12 -2.11 13.69
C PRO A 244 -3.71 -1.54 13.59
N PRO A 245 -3.56 -0.52 12.77
CA PRO A 245 -2.22 0.06 12.54
C PRO A 245 -1.51 0.42 13.84
N THR A 246 -0.22 0.10 13.88
CA THR A 246 0.59 0.25 15.09
C THR A 246 2.07 0.11 14.78
N THR A 247 2.91 0.70 15.64
CA THR A 247 4.35 0.44 15.58
C THR A 247 4.78 -0.59 16.62
N ALA A 248 3.87 -1.10 17.43
CA ALA A 248 4.21 -2.15 18.38
C ALA A 248 4.15 -3.49 17.68
N THR A 249 5.20 -3.81 16.95
CA THR A 249 5.23 -5.02 16.13
C THR A 249 6.07 -6.10 16.77
N ALA A 250 6.00 -7.29 16.16
CA ALA A 250 6.68 -8.48 16.65
C ALA A 250 7.86 -8.87 15.76
N GLY A 251 8.28 -7.98 14.87
CA GLY A 251 9.48 -8.21 14.08
C GLY A 251 10.56 -7.19 14.35
N ALA A 252 11.80 -7.66 14.42
CA ALA A 252 12.93 -6.79 14.73
C ALA A 252 13.10 -5.59 13.78
N HIS A 253 12.77 -5.80 12.50
CA HIS A 253 12.86 -4.76 11.48
C HIS A 253 11.49 -4.32 10.94
N ALA A 254 10.40 -4.70 11.62
CA ALA A 254 9.04 -4.31 11.23
C ALA A 254 8.73 -2.96 11.87
N ASP A 255 8.76 -1.90 11.08
CA ASP A 255 8.45 -0.55 11.57
C ASP A 255 6.97 -0.40 11.95
N ALA A 256 6.07 -1.08 11.22
CA ALA A 256 4.66 -0.96 11.52
C ALA A 256 3.82 -2.03 10.88
N TYR A 257 2.67 -2.25 11.47
CA TYR A 257 1.50 -2.83 10.81
C TYR A 257 0.66 -1.68 10.31
N LEU A 258 0.32 -1.66 9.04
CA LEU A 258 -0.51 -0.61 8.43
C LEU A 258 -1.72 -1.20 7.77
N TRP A 259 -2.74 -0.38 7.56
CA TRP A 259 -3.82 -0.81 6.64
C TRP A 259 -3.58 -0.08 5.33
N ILE A 260 -2.96 -0.76 4.37
CA ILE A 260 -2.60 -0.16 3.10
C ILE A 260 -3.79 -0.27 2.14
N LYS A 261 -4.21 -1.48 1.83
CA LYS A 261 -5.49 -1.71 1.23
C LYS A 261 -6.59 -1.15 2.14
N ARG A 262 -7.62 -0.56 1.53
CA ARG A 262 -8.76 -0.03 2.27
C ARG A 262 -9.88 -1.08 2.35
N PRO A 263 -10.14 -1.62 3.55
CA PRO A 263 -11.19 -2.66 3.69
C PRO A 263 -12.50 -2.17 3.18
N GLY A 264 -13.13 -3.01 2.36
CA GLY A 264 -14.39 -2.67 1.74
C GLY A 264 -14.24 -2.43 0.25
N GLU A 265 -13.06 -2.03 -0.20
CA GLU A 265 -12.83 -1.85 -1.65
C GLU A 265 -12.72 -3.19 -2.36
N SER A 266 -13.41 -3.32 -3.49
CA SER A 266 -13.36 -4.53 -4.28
C SER A 266 -11.97 -4.75 -4.85
N ASP A 267 -11.56 -6.02 -4.95
CA ASP A 267 -10.31 -6.38 -5.58
C ASP A 267 -10.44 -6.43 -7.12
N GLY A 268 -11.68 -6.43 -7.61
CA GLY A 268 -11.96 -6.53 -9.03
C GLY A 268 -13.23 -7.32 -9.33
N THR A 269 -13.49 -7.54 -10.61
CA THR A 269 -14.62 -8.33 -11.02
C THR A 269 -14.48 -9.83 -10.69
N CYS A 270 -13.24 -10.31 -10.66
CA CYS A 270 -12.88 -11.60 -10.04
C CYS A 270 -13.55 -12.81 -10.71
N GLY A 271 -13.94 -12.67 -11.98
CA GLY A 271 -14.60 -13.72 -12.74
C GLY A 271 -16.02 -14.03 -12.28
N ARG A 272 -16.61 -13.09 -11.54
CA ARG A 272 -17.91 -13.27 -10.91
C ARG A 272 -18.80 -12.04 -11.07
N GLY A 273 -18.37 -11.07 -11.88
CA GLY A 273 -19.17 -9.88 -12.08
C GLY A 273 -19.24 -9.01 -10.83
N GLU A 274 -18.20 -9.09 -9.98
CA GLU A 274 -18.12 -8.25 -8.76
C GLU A 274 -17.73 -6.82 -9.11
N PRO A 275 -17.81 -5.88 -8.18
CA PRO A 275 -17.54 -4.48 -8.54
C PRO A 275 -16.10 -4.20 -9.00
N GLN A 276 -15.96 -3.20 -9.89
CA GLN A 276 -14.64 -2.86 -10.45
C GLN A 276 -13.62 -2.66 -9.31
N ALA A 277 -12.36 -2.98 -9.57
CA ALA A 277 -11.30 -2.81 -8.59
C ALA A 277 -11.29 -1.41 -8.04
N GLY A 278 -11.31 -1.32 -6.70
CA GLY A 278 -11.24 -0.06 -6.00
C GLY A 278 -12.56 0.56 -5.56
N ARG A 279 -13.67 0.04 -6.07
CA ARG A 279 -14.98 0.51 -5.69
C ARG A 279 -15.30 0.02 -4.28
N PHE A 280 -15.71 0.95 -3.42
CA PHE A 280 -16.09 0.61 -2.05
C PHE A 280 -17.42 -0.12 -2.01
N VAL A 281 -17.46 -1.20 -1.26
CA VAL A 281 -18.65 -2.03 -1.09
C VAL A 281 -18.91 -2.13 0.40
N SER A 282 -19.96 -1.47 0.89
CA SER A 282 -20.21 -1.50 2.35
C SER A 282 -20.27 -2.93 2.89
N GLN A 283 -20.95 -3.83 2.19
CA GLN A 283 -21.10 -5.22 2.62
C GLN A 283 -19.74 -5.89 2.83
N TYR A 284 -18.78 -5.61 1.96
CA TYR A 284 -17.45 -6.17 2.09
C TYR A 284 -16.77 -5.70 3.39
N ALA A 285 -16.87 -4.40 3.66
CA ALA A 285 -16.31 -3.87 4.93
C ALA A 285 -17.01 -4.48 6.15
N ILE A 286 -18.33 -4.58 6.08
CA ILE A 286 -19.10 -5.15 7.18
C ILE A 286 -18.72 -6.62 7.41
N ASP A 287 -18.59 -7.41 6.34
CA ASP A 287 -18.21 -8.82 6.51
C ASP A 287 -16.80 -8.98 7.11
N LEU A 288 -15.83 -8.19 6.63
CA LEU A 288 -14.49 -8.22 7.22
C LEU A 288 -14.51 -7.90 8.71
N ALA A 289 -15.28 -6.88 9.11
CA ALA A 289 -15.43 -6.53 10.52
C ALA A 289 -16.19 -7.59 11.33
N HIS A 290 -17.31 -8.07 10.79
CA HIS A 290 -18.05 -9.17 11.44
C HIS A 290 -17.18 -10.38 11.68
N ASN A 291 -16.38 -10.77 10.70
CA ASN A 291 -15.52 -11.93 10.85
C ASN A 291 -14.41 -11.71 11.89
N ALA A 292 -14.11 -10.45 12.17
CA ALA A 292 -13.15 -10.08 13.24
C ALA A 292 -13.88 -9.99 14.59
N GLY A 293 -15.17 -10.34 14.60
CA GLY A 293 -15.97 -10.32 15.82
C GLY A 293 -16.56 -8.98 16.19
N GLN A 294 -16.46 -8.00 15.30
CA GLN A 294 -17.05 -6.69 15.48
C GLN A 294 -18.39 -6.50 14.73
#